data_5XXD
#
_entry.id   5XXD
#
_cell.length_a   61.458
_cell.length_b   66.472
_cell.length_c   107.062
_cell.angle_alpha   90.000
_cell.angle_beta   90.000
_cell.angle_gamma   90.000
#
_symmetry.space_group_name_H-M   'P 21 21 21'
#
loop_
_entity.id
_entity.type
_entity.pdbx_description
1 polymer 'Smyd3 methyltransferase'
2 non-polymer S-ADENOSYLMETHIONINE
3 non-polymer 'ZINC ION'
4 non-polymer 'ethyl 4-(5,6,7,8-tetrahydroacridin-3-ylcarbonyl)piperazine-1-carboxylate'
5 water water
#
_entity_poly.entity_id   1
_entity_poly.type   'polypeptide(L)'
_entity_poly.pdbx_seq_one_letter_code
;PLKVEKFATANRGNGLRAVTPLRPGELLFRSDPLAYTVCKGSRGVVCDRCLLGKEKLMRCSQCRVAKYCSAKCQKKAWPD
HKRECKCLKSCKPRYPPDSVRLLGRVVFKLMDGAPSESEKLYSFYDLESNINKLTEDRKEGLRQLVMTFQHFMREEIQDA
SQLPPAFDLFEAFAKVICNSFTICNAEMQEVGVGLYPSISLLNHSCDPNCSIVFNGPHLLLRAVRDIEVGEELTICYLDM
LMTSEERRKQLRDQYCFECDCFRCQTQDKDADMLTGDEQVWKEVQESLKKIEELKAHWKWEQVLAMCQAIISSNSERLPD
INIYQLKVLDCAMDACINLGLLEEALFYGTRTMEPYRIFFPGSHPVRGVQVMKVGKLQLHQGMFPQAMKNLRLAFDIMRV
THGREHSLIEDLILLLEECDANI
;
_entity_poly.pdbx_strand_id   A
#
# COMPACT_ATOMS: atom_id res chain seq x y z
N PRO A 1 -23.52 -9.79 -12.10
CA PRO A 1 -24.25 -9.29 -10.94
C PRO A 1 -23.31 -8.96 -9.77
N LEU A 2 -23.43 -7.75 -9.24
CA LEU A 2 -22.51 -7.25 -8.23
C LEU A 2 -22.99 -7.64 -6.83
N LYS A 3 -22.03 -7.97 -5.98
CA LYS A 3 -22.31 -8.33 -4.58
C LYS A 3 -22.27 -7.11 -3.66
N VAL A 4 -21.91 -5.94 -4.18
CA VAL A 4 -21.79 -4.72 -3.39
C VAL A 4 -22.59 -3.62 -4.09
N GLU A 5 -22.83 -2.54 -3.35
CA GLU A 5 -23.60 -1.43 -3.89
C GLU A 5 -23.21 -0.14 -3.18
N LYS A 6 -23.25 0.96 -3.92
CA LYS A 6 -23.07 2.28 -3.34
C LYS A 6 -24.32 2.69 -2.58
N PHE A 7 -24.12 3.36 -1.44
CA PHE A 7 -25.25 3.85 -0.66
C PHE A 7 -24.79 5.03 0.18
N ALA A 8 -25.77 5.79 0.66
CA ALA A 8 -25.51 6.98 1.47
C ALA A 8 -25.55 6.58 2.95
N THR A 9 -24.40 6.69 3.61
CA THR A 9 -24.34 6.39 5.03
C THR A 9 -24.99 7.53 5.84
N ALA A 10 -25.16 7.27 7.13
CA ALA A 10 -25.84 8.23 7.99
C ALA A 10 -24.94 9.39 8.40
N ASN A 11 -23.64 9.15 8.54
CA ASN A 11 -22.73 10.22 8.94
C ASN A 11 -21.32 10.08 8.35
N ARG A 12 -21.16 9.31 7.28
CA ARG A 12 -19.84 9.07 6.70
C ARG A 12 -19.85 9.29 5.19
N GLY A 13 -20.75 10.12 4.70
CA GLY A 13 -20.86 10.30 3.26
C GLY A 13 -21.34 9.03 2.60
N ASN A 14 -20.75 8.73 1.44
CA ASN A 14 -21.10 7.53 0.69
C ASN A 14 -20.25 6.34 1.16
N GLY A 15 -20.75 5.15 0.88
CA GLY A 15 -20.06 3.94 1.26
C GLY A 15 -20.51 2.76 0.43
N LEU A 16 -19.92 1.60 0.72
CA LEU A 16 -20.26 0.35 0.08
C LEU A 16 -20.94 -0.57 1.10
N ARG A 17 -21.94 -1.32 0.65
CA ARG A 17 -22.64 -2.27 1.50
C ARG A 17 -22.96 -3.51 0.69
N ALA A 18 -23.24 -4.60 1.40
CA ALA A 18 -23.41 -5.91 0.77
C ALA A 18 -24.82 -6.05 0.21
N VAL A 19 -24.91 -6.40 -1.08
CA VAL A 19 -26.18 -6.79 -1.69
C VAL A 19 -26.58 -8.21 -1.30
N THR A 20 -25.65 -8.97 -0.73
CA THR A 20 -25.82 -10.41 -0.53
C THR A 20 -24.94 -10.81 0.64
N PRO A 21 -25.26 -11.93 1.31
CA PRO A 21 -24.39 -12.40 2.39
C PRO A 21 -23.02 -12.78 1.87
N LEU A 22 -21.98 -12.30 2.56
CA LEU A 22 -20.60 -12.54 2.16
C LEU A 22 -19.90 -13.37 3.21
N ARG A 23 -19.00 -14.23 2.76
CA ARG A 23 -18.21 -15.10 3.61
C ARG A 23 -16.74 -14.77 3.48
N PRO A 24 -15.94 -15.08 4.50
CA PRO A 24 -14.50 -14.77 4.44
C PRO A 24 -13.84 -15.34 3.20
N GLY A 25 -13.12 -14.49 2.48
CA GLY A 25 -12.41 -14.88 1.28
C GLY A 25 -13.13 -14.61 -0.02
N GLU A 26 -14.40 -14.25 0.04
CA GLU A 26 -15.17 -14.02 -1.18
C GLU A 26 -14.70 -12.76 -1.89
N LEU A 27 -14.38 -12.90 -3.17
CA LEU A 27 -14.01 -11.75 -3.99
C LEU A 27 -15.20 -10.82 -4.15
N LEU A 28 -15.00 -9.54 -3.89
CA LEU A 28 -16.06 -8.54 -3.97
C LEU A 28 -15.95 -7.62 -5.16
N PHE A 29 -14.74 -7.30 -5.61
CA PHE A 29 -14.54 -6.37 -6.71
C PHE A 29 -13.10 -6.44 -7.17
N ARG A 30 -12.89 -6.44 -8.49
CA ARG A 30 -11.59 -6.26 -9.09
C ARG A 30 -11.55 -4.92 -9.82
N SER A 31 -10.36 -4.32 -9.90
CA SER A 31 -10.26 -3.03 -10.57
C SER A 31 -8.81 -2.74 -10.95
N ASP A 32 -8.60 -2.38 -12.21
CA ASP A 32 -7.40 -1.66 -12.59
C ASP A 32 -7.50 -0.23 -12.09
N PRO A 33 -6.37 0.48 -12.01
CA PRO A 33 -6.45 1.90 -11.61
C PRO A 33 -7.03 2.76 -12.71
N LEU A 34 -7.65 3.86 -12.30
CA LEU A 34 -7.93 4.93 -13.25
C LEU A 34 -6.64 5.59 -13.70
N ALA A 35 -5.72 5.81 -12.78
CA ALA A 35 -4.38 6.30 -13.05
C ALA A 35 -3.47 5.87 -11.91
N TYR A 36 -2.20 5.63 -12.24
CA TYR A 36 -1.24 5.22 -11.24
C TYR A 36 0.17 5.54 -11.73
N THR A 37 1.10 5.60 -10.78
CA THR A 37 2.50 5.84 -11.11
C THR A 37 3.37 5.19 -10.04
N VAL A 38 4.63 4.99 -10.39
CA VAL A 38 5.59 4.38 -9.48
C VAL A 38 6.02 5.40 -8.45
N CYS A 39 6.24 4.95 -7.22
CA CYS A 39 6.67 5.84 -6.14
C CYS A 39 8.07 6.37 -6.41
N LYS A 40 8.39 7.48 -5.73
CA LYS A 40 9.68 8.14 -5.91
C LYS A 40 10.84 7.20 -5.62
N GLY A 41 10.76 6.43 -4.53
CA GLY A 41 11.85 5.56 -4.15
C GLY A 41 11.98 4.30 -4.99
N SER A 42 10.91 3.89 -5.67
CA SER A 42 10.92 2.69 -6.49
C SER A 42 11.11 2.98 -7.97
N ARG A 43 11.22 4.26 -8.35
CA ARG A 43 11.39 4.60 -9.76
C ARG A 43 12.76 4.15 -10.25
N GLY A 44 12.77 3.40 -11.35
CA GLY A 44 13.99 2.77 -11.81
C GLY A 44 14.30 1.45 -11.14
N VAL A 45 13.53 1.07 -10.12
CA VAL A 45 13.70 -0.22 -9.47
C VAL A 45 12.64 -1.21 -9.91
N VAL A 46 11.42 -0.73 -10.14
CA VAL A 46 10.34 -1.58 -10.66
C VAL A 46 9.91 -1.03 -12.01
N CYS A 47 9.31 -1.92 -12.80
CA CYS A 47 8.78 -1.53 -14.11
C CYS A 47 7.68 -0.48 -13.94
N ASP A 48 7.71 0.55 -14.78
CA ASP A 48 6.76 1.65 -14.59
C ASP A 48 5.31 1.19 -14.73
N ARG A 49 5.06 0.11 -15.48
CA ARG A 49 3.70 -0.31 -15.78
C ARG A 49 3.26 -1.44 -14.87
N CYS A 50 4.03 -2.51 -14.83
CA CYS A 50 3.67 -3.71 -14.10
C CYS A 50 4.18 -3.71 -12.66
N LEU A 51 5.02 -2.74 -12.29
CA LEU A 51 5.46 -2.54 -10.92
C LEU A 51 6.20 -3.75 -10.36
N LEU A 52 6.81 -4.56 -11.22
CA LEU A 52 7.63 -5.69 -10.80
C LEU A 52 9.10 -5.27 -10.77
N GLY A 53 9.82 -5.71 -9.73
CA GLY A 53 11.23 -5.31 -9.59
C GLY A 53 12.15 -6.24 -10.37
N LYS A 54 13.23 -5.68 -10.92
CA LYS A 54 14.10 -6.45 -11.78
C LYS A 54 15.55 -6.03 -11.63
N GLU A 55 16.46 -6.88 -12.11
CA GLU A 55 17.86 -6.50 -12.22
C GLU A 55 17.99 -5.19 -12.97
N LYS A 56 17.66 -5.21 -14.25
CA LYS A 56 17.88 -4.09 -15.15
C LYS A 56 16.56 -3.65 -15.79
N LEU A 57 16.43 -2.36 -16.04
CA LEU A 57 15.25 -1.86 -16.73
C LEU A 57 15.65 -1.07 -17.96
N MET A 58 14.89 -1.23 -19.03
CA MET A 58 15.06 -0.38 -20.21
C MET A 58 14.28 0.91 -20.00
N ARG A 59 14.90 2.02 -20.37
CA ARG A 59 14.35 3.34 -20.08
C ARG A 59 13.75 3.96 -21.33
N CYS A 60 12.82 4.88 -21.11
CA CYS A 60 12.22 5.63 -22.21
C CYS A 60 13.28 6.56 -22.81
N SER A 61 13.66 6.31 -24.06
CA SER A 61 14.70 7.10 -24.68
C SER A 61 14.35 8.58 -24.70
N GLN A 62 13.06 8.90 -24.85
CA GLN A 62 12.60 10.27 -24.88
C GLN A 62 12.87 11.00 -23.57
N CYS A 63 12.26 10.52 -22.48
CA CYS A 63 12.37 11.21 -21.19
C CYS A 63 13.48 10.66 -20.32
N ARG A 64 13.70 9.34 -20.36
CA ARG A 64 14.66 8.61 -19.52
C ARG A 64 14.25 8.59 -18.06
N VAL A 65 13.04 9.04 -17.73
CA VAL A 65 12.53 8.90 -16.37
C VAL A 65 11.75 7.60 -16.21
N ALA A 66 11.05 7.19 -17.26
CA ALA A 66 10.21 6.00 -17.26
C ALA A 66 11.03 4.78 -17.64
N LYS A 67 10.95 3.73 -16.82
CA LYS A 67 11.71 2.50 -17.06
C LYS A 67 10.80 1.30 -16.86
N TYR A 68 11.18 0.18 -17.48
CA TYR A 68 10.23 -0.90 -17.71
C TYR A 68 10.88 -2.27 -17.51
N CYS A 69 10.03 -3.29 -17.32
CA CYS A 69 10.52 -4.65 -17.18
C CYS A 69 10.89 -5.28 -18.51
N SER A 70 10.21 -4.91 -19.59
CA SER A 70 10.44 -5.53 -20.89
C SER A 70 9.92 -4.59 -21.97
N ALA A 71 10.08 -5.04 -23.23
CA ALA A 71 9.63 -4.22 -24.36
C ALA A 71 8.11 -4.16 -24.44
N LYS A 72 7.43 -5.25 -24.04
CA LYS A 72 5.96 -5.21 -24.02
C LYS A 72 5.46 -4.16 -23.05
N CYS A 73 6.06 -4.09 -21.84
CA CYS A 73 5.61 -3.13 -20.85
C CYS A 73 5.87 -1.70 -21.30
N GLN A 74 7.00 -1.46 -21.98
CA GLN A 74 7.28 -0.11 -22.45
C GLN A 74 6.32 0.30 -23.57
N LYS A 75 6.05 -0.63 -24.50
CA LYS A 75 5.17 -0.30 -25.61
C LYS A 75 3.71 -0.19 -25.16
N LYS A 76 3.30 -1.02 -24.19
CA LYS A 76 1.92 -0.96 -23.72
C LYS A 76 1.66 0.26 -22.85
N ALA A 77 2.68 0.71 -22.11
CA ALA A 77 2.53 1.89 -21.27
C ALA A 77 2.58 3.19 -22.06
N TRP A 78 2.98 3.13 -23.34
CA TRP A 78 3.14 4.35 -24.13
C TRP A 78 1.88 5.20 -24.23
N PRO A 79 0.68 4.65 -24.50
CA PRO A 79 -0.50 5.52 -24.62
C PRO A 79 -0.77 6.34 -23.37
N ASP A 80 -0.69 5.74 -22.19
CA ASP A 80 -0.87 6.46 -20.93
C ASP A 80 0.36 7.25 -20.52
N HIS A 81 1.44 7.18 -21.31
CA HIS A 81 2.69 7.87 -20.97
C HIS A 81 3.06 8.97 -21.96
N LYS A 82 2.48 8.96 -23.17
CA LYS A 82 2.96 9.83 -24.23
C LYS A 82 2.84 11.31 -23.86
N ARG A 83 1.73 11.70 -23.24
CA ARG A 83 1.54 13.11 -22.90
C ARG A 83 2.39 13.50 -21.69
N GLU A 84 2.52 12.61 -20.72
CA GLU A 84 3.35 12.89 -19.55
C GLU A 84 4.84 12.77 -19.85
N CYS A 85 5.22 12.03 -20.90
CA CYS A 85 6.62 11.73 -21.17
C CYS A 85 7.46 12.98 -21.33
N LYS A 86 6.86 14.06 -21.82
CA LYS A 86 7.61 15.24 -22.22
C LYS A 86 7.29 16.49 -21.41
N CYS A 87 6.33 16.43 -20.50
CA CYS A 87 6.38 17.29 -19.32
C CYS A 87 7.48 16.80 -18.38
N LEU A 88 7.67 15.48 -18.36
CA LEU A 88 8.78 14.83 -17.66
C LEU A 88 10.11 15.27 -18.27
N LYS A 89 10.34 14.91 -19.53
CA LYS A 89 11.38 15.53 -20.34
C LYS A 89 11.15 17.03 -20.38
N SER A 90 12.17 17.81 -20.69
CA SER A 90 12.07 19.27 -20.68
C SER A 90 11.51 19.76 -19.34
N CYS A 91 12.11 19.21 -18.28
CA CYS A 91 11.87 19.61 -16.90
CA CYS A 91 11.87 19.61 -16.90
C CYS A 91 12.89 18.90 -16.01
N LYS A 92 13.85 18.24 -16.66
CA LYS A 92 14.92 17.57 -15.96
C LYS A 92 15.89 18.61 -15.39
N PRO A 93 16.54 18.31 -14.26
CA PRO A 93 16.36 17.11 -13.45
C PRO A 93 15.37 17.33 -12.31
N ARG A 94 14.22 17.91 -12.62
CA ARG A 94 13.26 18.35 -11.62
C ARG A 94 12.04 17.44 -11.69
N TYR A 95 12.09 16.37 -10.91
CA TYR A 95 11.01 15.39 -10.87
C TYR A 95 9.92 15.89 -9.92
N PRO A 96 8.65 15.83 -10.32
CA PRO A 96 7.58 16.38 -9.49
C PRO A 96 7.17 15.41 -8.40
N PRO A 97 6.42 15.89 -7.40
CA PRO A 97 5.90 14.97 -6.38
C PRO A 97 5.00 13.91 -6.98
N ASP A 98 4.86 12.79 -6.26
CA ASP A 98 4.09 11.66 -6.76
C ASP A 98 2.64 12.04 -7.02
N SER A 99 2.08 12.94 -6.20
CA SER A 99 0.70 13.34 -6.36
C SER A 99 0.50 14.13 -7.64
N VAL A 100 1.46 14.99 -7.98
CA VAL A 100 1.34 15.79 -9.21
C VAL A 100 1.41 14.89 -10.43
N ARG A 101 2.34 13.94 -10.45
CA ARG A 101 2.42 12.99 -11.56
C ARG A 101 1.16 12.13 -11.63
N LEU A 102 0.59 11.79 -10.47
CA LEU A 102 -0.64 11.00 -10.44
C LEU A 102 -1.79 11.78 -11.07
N LEU A 103 -1.96 13.04 -10.68
CA LEU A 103 -3.05 13.83 -11.23
C LEU A 103 -2.86 14.10 -12.72
N GLY A 104 -1.60 14.23 -13.17
CA GLY A 104 -1.36 14.39 -14.60
C GLY A 104 -1.89 13.23 -15.41
N ARG A 105 -1.73 12.01 -14.90
CA ARG A 105 -2.27 10.85 -15.60
C ARG A 105 -3.79 10.75 -15.47
N VAL A 106 -4.35 11.28 -14.37
CA VAL A 106 -5.81 11.35 -14.26
C VAL A 106 -6.37 12.25 -15.34
N VAL A 107 -5.73 13.40 -15.58
CA VAL A 107 -6.23 14.35 -16.57
C VAL A 107 -6.14 13.75 -17.96
N PHE A 108 -5.00 13.13 -18.30
CA PHE A 108 -4.83 12.56 -19.63
C PHE A 108 -5.80 11.41 -19.86
N LYS A 109 -6.04 10.59 -18.84
CA LYS A 109 -6.95 9.47 -19.00
C LYS A 109 -8.39 9.94 -19.14
N LEU A 110 -8.77 10.98 -18.37
CA LEU A 110 -10.12 11.52 -18.47
C LEU A 110 -10.32 12.27 -19.78
N MET A 111 -9.25 12.83 -20.34
CA MET A 111 -9.38 13.61 -21.58
C MET A 111 -9.34 12.73 -22.82
N ASP A 112 -8.47 11.72 -22.84
CA ASP A 112 -8.21 10.96 -24.05
C ASP A 112 -8.60 9.48 -23.95
N GLY A 113 -8.74 8.93 -22.76
CA GLY A 113 -9.10 7.54 -22.61
C GLY A 113 -10.60 7.33 -22.62
N ALA A 114 -11.00 6.10 -22.93
CA ALA A 114 -12.40 5.74 -22.95
C ALA A 114 -12.94 5.65 -21.52
N PRO A 115 -14.27 5.57 -21.36
CA PRO A 115 -14.84 5.24 -20.05
C PRO A 115 -14.10 4.14 -19.33
N SER A 116 -13.65 4.43 -18.11
CA SER A 116 -12.79 3.52 -17.35
C SER A 116 -13.64 2.58 -16.51
N GLU A 117 -13.29 1.29 -16.56
CA GLU A 117 -13.97 0.31 -15.71
C GLU A 117 -13.81 0.63 -14.23
N SER A 118 -12.73 1.33 -13.87
CA SER A 118 -12.48 1.66 -12.47
C SER A 118 -13.50 2.64 -11.90
N GLU A 119 -14.23 3.36 -12.74
CA GLU A 119 -15.21 4.34 -12.29
C GLU A 119 -16.64 3.83 -12.39
N LYS A 120 -16.82 2.50 -12.36
CA LYS A 120 -18.15 1.94 -12.57
C LYS A 120 -19.10 2.30 -11.43
N LEU A 121 -18.66 2.13 -10.19
CA LEU A 121 -19.49 2.44 -9.03
C LEU A 121 -19.37 3.89 -8.58
N TYR A 122 -18.28 4.55 -8.95
CA TYR A 122 -17.92 5.85 -8.38
C TYR A 122 -16.85 6.45 -9.29
N SER A 123 -17.05 7.68 -9.72
CA SER A 123 -16.15 8.33 -10.65
C SER A 123 -15.21 9.27 -9.90
N PHE A 124 -14.18 9.74 -10.61
CA PHE A 124 -13.30 10.76 -10.05
C PHE A 124 -14.06 12.04 -9.73
N TYR A 125 -15.09 12.35 -10.53
CA TYR A 125 -15.91 13.53 -10.27
C TYR A 125 -16.69 13.40 -8.98
N ASP A 126 -17.02 12.17 -8.56
CA ASP A 126 -17.81 11.95 -7.36
C ASP A 126 -16.96 11.93 -6.09
N LEU A 127 -15.64 11.84 -6.20
CA LEU A 127 -14.79 11.60 -5.05
C LEU A 127 -14.95 12.71 -4.00
N GLU A 128 -14.86 12.31 -2.74
CA GLU A 128 -14.94 13.27 -1.65
C GLU A 128 -13.71 14.15 -1.63
N SER A 129 -13.92 15.47 -1.45
CA SER A 129 -12.82 16.42 -1.37
C SER A 129 -12.56 16.91 0.05
N ASN A 130 -13.56 16.85 0.93
CA ASN A 130 -13.44 17.32 2.32
C ASN A 130 -12.99 18.76 2.38
N ILE A 131 -13.42 19.59 1.42
CA ILE A 131 -12.86 20.92 1.27
C ILE A 131 -13.25 21.82 2.44
N ASN A 132 -14.50 21.72 2.92
CA ASN A 132 -14.95 22.55 4.02
C ASN A 132 -14.42 22.09 5.37
N LYS A 133 -13.55 21.08 5.39
CA LYS A 133 -12.88 20.63 6.60
C LYS A 133 -11.38 20.88 6.57
N LEU A 134 -10.82 21.30 5.44
CA LEU A 134 -9.38 21.50 5.36
C LEU A 134 -8.95 22.70 6.19
N THR A 135 -7.82 22.56 6.87
CA THR A 135 -7.23 23.67 7.60
C THR A 135 -6.56 24.62 6.61
N GLU A 136 -6.34 25.85 7.08
CA GLU A 136 -5.63 26.83 6.25
C GLU A 136 -4.24 26.35 5.88
N ASP A 137 -3.59 25.60 6.76
CA ASP A 137 -2.30 25.03 6.44
C ASP A 137 -2.40 24.02 5.29
N ARG A 138 -3.43 23.16 5.33
CA ARG A 138 -3.59 22.18 4.25
C ARG A 138 -3.99 22.86 2.94
N LYS A 139 -4.80 23.92 3.03
CA LYS A 139 -5.15 24.68 1.83
C LYS A 139 -3.91 25.27 1.18
N GLU A 140 -3.04 25.88 1.99
CA GLU A 140 -1.80 26.45 1.48
C GLU A 140 -0.97 25.42 0.74
N GLY A 141 -0.87 24.21 1.31
CA GLY A 141 -0.12 23.15 0.64
C GLY A 141 -0.76 22.73 -0.67
N LEU A 142 -2.10 22.71 -0.71
CA LEU A 142 -2.79 22.36 -1.94
C LEU A 142 -2.58 23.40 -3.03
N ARG A 143 -2.47 24.68 -2.65
CA ARG A 143 -2.19 25.73 -3.62
C ARG A 143 -0.77 25.60 -4.17
N GLN A 144 0.18 25.15 -3.33
CA GLN A 144 1.52 24.90 -3.83
C GLN A 144 1.54 23.69 -4.76
N LEU A 145 0.69 22.69 -4.49
CA LEU A 145 0.57 21.55 -5.38
C LEU A 145 -0.08 21.94 -6.70
N VAL A 146 -0.99 22.91 -6.67
CA VAL A 146 -1.64 23.38 -7.89
C VAL A 146 -0.62 24.06 -8.80
N MET A 147 0.14 25.01 -8.25
CA MET A 147 1.15 25.70 -9.05
C MET A 147 2.27 24.76 -9.49
N THR A 148 2.57 23.73 -8.68
CA THR A 148 3.52 22.71 -9.10
C THR A 148 2.97 21.93 -10.29
N PHE A 149 1.68 21.62 -10.27
CA PHE A 149 1.05 20.92 -11.39
C PHE A 149 1.12 21.75 -12.66
N GLN A 150 0.71 23.02 -12.56
CA GLN A 150 0.69 23.88 -13.74
C GLN A 150 2.08 24.06 -14.34
N HIS A 151 3.11 24.11 -13.49
CA HIS A 151 4.47 24.24 -14.00
C HIS A 151 4.95 22.94 -14.64
N PHE A 152 4.62 21.81 -14.03
CA PHE A 152 5.05 20.52 -14.59
C PHE A 152 4.33 20.23 -15.89
N MET A 153 3.02 20.51 -15.95
CA MET A 153 2.20 20.22 -17.12
C MET A 153 2.17 21.37 -18.12
N ARG A 154 3.20 22.21 -18.14
CA ARG A 154 3.23 23.37 -19.04
C ARG A 154 3.03 22.96 -20.49
N GLU A 155 3.81 21.98 -20.95
CA GLU A 155 3.88 21.67 -22.37
C GLU A 155 2.62 21.04 -22.92
N GLU A 156 1.82 20.38 -22.09
CA GLU A 156 0.64 19.67 -22.57
C GLU A 156 -0.69 20.29 -22.17
N ILE A 157 -0.69 21.19 -21.19
CA ILE A 157 -1.91 21.79 -20.67
C ILE A 157 -1.70 23.29 -20.62
N GLN A 158 -2.18 24.00 -21.65
CA GLN A 158 -2.04 25.46 -21.68
C GLN A 158 -3.16 26.15 -20.92
N ASP A 159 -4.35 25.56 -20.91
CA ASP A 159 -5.58 26.28 -20.63
C ASP A 159 -6.62 25.29 -20.14
N ALA A 160 -7.73 25.83 -19.61
CA ALA A 160 -8.82 24.99 -19.13
C ALA A 160 -9.47 24.15 -20.24
N SER A 161 -9.24 24.50 -21.51
CA SER A 161 -9.83 23.73 -22.59
C SER A 161 -9.22 22.33 -22.68
N GLN A 162 -8.00 22.15 -22.20
CA GLN A 162 -7.36 20.85 -22.16
C GLN A 162 -7.56 20.13 -20.83
N LEU A 163 -8.34 20.70 -19.93
CA LEU A 163 -8.82 20.02 -18.75
C LEU A 163 -10.26 19.55 -18.95
N PRO A 164 -10.71 18.55 -18.21
CA PRO A 164 -12.11 18.15 -18.27
C PRO A 164 -13.03 19.31 -17.94
N PRO A 165 -14.32 19.21 -18.26
CA PRO A 165 -15.22 20.33 -17.97
C PRO A 165 -15.48 20.50 -16.49
N ALA A 166 -15.52 21.75 -16.04
CA ALA A 166 -15.71 22.10 -14.64
C ALA A 166 -14.65 21.46 -13.74
N PHE A 167 -13.47 21.23 -14.30
CA PHE A 167 -12.38 20.56 -13.59
C PHE A 167 -11.53 21.60 -12.86
N ASP A 168 -11.53 21.54 -11.54
CA ASP A 168 -10.79 22.48 -10.70
C ASP A 168 -9.61 21.77 -10.08
N LEU A 169 -8.42 22.37 -10.21
CA LEU A 169 -7.19 21.68 -9.80
C LEU A 169 -7.07 21.61 -8.29
N PHE A 170 -7.46 22.66 -7.58
CA PHE A 170 -7.40 22.65 -6.13
C PHE A 170 -8.27 21.53 -5.56
N GLU A 171 -9.50 21.40 -6.06
CA GLU A 171 -10.38 20.33 -5.61
C GLU A 171 -9.88 18.96 -6.04
N ALA A 172 -9.26 18.88 -7.21
CA ALA A 172 -8.73 17.60 -7.67
C ALA A 172 -7.63 17.08 -6.74
N PHE A 173 -6.75 17.97 -6.30
CA PHE A 173 -5.72 17.55 -5.34
C PHE A 173 -6.31 17.23 -3.98
N ALA A 174 -7.41 17.90 -3.61
CA ALA A 174 -8.11 17.55 -2.37
C ALA A 174 -8.67 16.14 -2.45
N LYS A 175 -9.15 15.73 -3.63
CA LYS A 175 -9.64 14.37 -3.81
C LYS A 175 -8.49 13.37 -3.76
N VAL A 176 -7.32 13.75 -4.28
CA VAL A 176 -6.19 12.83 -4.32
C VAL A 176 -5.69 12.54 -2.91
N ILE A 177 -5.73 13.53 -2.02
CA ILE A 177 -5.19 13.37 -0.68
C ILE A 177 -5.94 12.28 0.08
N CYS A 178 -7.27 12.27 -0.01
CA CYS A 178 -8.10 11.38 0.80
C CYS A 178 -8.68 10.22 0.01
N ASN A 179 -8.21 9.97 -1.21
CA ASN A 179 -8.64 8.80 -1.97
C ASN A 179 -7.49 8.03 -2.60
N SER A 180 -6.25 8.44 -2.39
CA SER A 180 -5.11 7.75 -2.96
C SER A 180 -4.93 6.38 -2.32
N PHE A 181 -4.49 5.41 -3.13
CA PHE A 181 -4.16 4.07 -2.66
C PHE A 181 -2.66 3.86 -2.83
N THR A 182 -1.97 3.63 -1.73
CA THR A 182 -0.60 3.13 -1.83
C THR A 182 -0.63 1.72 -2.40
N ILE A 183 0.22 1.46 -3.38
CA ILE A 183 0.30 0.15 -4.02
C ILE A 183 1.50 -0.60 -3.46
N CYS A 184 1.27 -1.81 -2.97
CA CYS A 184 2.31 -2.66 -2.43
C CYS A 184 2.41 -3.92 -3.26
N ASN A 185 3.64 -4.40 -3.48
CA ASN A 185 3.87 -5.56 -4.33
C ASN A 185 3.50 -6.83 -3.57
N ALA A 186 3.88 -7.99 -4.12
CA ALA A 186 3.56 -9.26 -3.48
C ALA A 186 4.27 -9.41 -2.14
N GLU A 187 5.51 -8.92 -2.06
CA GLU A 187 6.30 -8.97 -0.84
C GLU A 187 5.93 -7.90 0.16
N MET A 188 4.87 -7.14 -0.12
CA MET A 188 4.43 -6.02 0.72
C MET A 188 5.51 -4.92 0.77
N GLN A 189 6.05 -4.59 -0.38
CA GLN A 189 6.93 -3.44 -0.54
C GLN A 189 6.14 -2.32 -1.22
N GLU A 190 6.18 -1.13 -0.64
CA GLU A 190 5.48 0.02 -1.23
C GLU A 190 6.15 0.37 -2.56
N VAL A 191 5.43 0.18 -3.66
CA VAL A 191 6.00 0.35 -4.99
C VAL A 191 5.31 1.42 -5.81
N GLY A 192 4.06 1.77 -5.53
CA GLY A 192 3.38 2.73 -6.37
C GLY A 192 2.25 3.42 -5.66
N VAL A 193 1.53 4.26 -6.42
CA VAL A 193 0.38 4.98 -5.91
C VAL A 193 -0.62 5.12 -7.06
N GLY A 194 -1.90 4.96 -6.74
CA GLY A 194 -2.92 4.98 -7.77
C GLY A 194 -4.28 5.36 -7.21
N LEU A 195 -5.21 5.58 -8.14
CA LEU A 195 -6.59 5.94 -7.79
C LEU A 195 -7.53 4.86 -8.29
N TYR A 196 -8.42 4.41 -7.42
CA TYR A 196 -9.43 3.40 -7.73
C TYR A 196 -10.76 3.96 -7.24
N PRO A 197 -11.43 4.79 -8.05
CA PRO A 197 -12.59 5.54 -7.54
C PRO A 197 -13.72 4.68 -7.03
N SER A 198 -14.02 3.56 -7.71
CA SER A 198 -15.06 2.66 -7.21
C SER A 198 -14.67 2.08 -5.85
N ILE A 199 -13.38 1.71 -5.69
CA ILE A 199 -12.90 1.23 -4.40
C ILE A 199 -12.85 2.35 -3.37
N SER A 200 -12.76 3.60 -3.81
CA SER A 200 -12.74 4.74 -2.89
C SER A 200 -14.07 4.96 -2.19
N LEU A 201 -15.08 4.13 -2.43
CA LEU A 201 -16.31 4.21 -1.66
C LEU A 201 -16.15 3.59 -0.27
N LEU A 202 -15.17 2.73 -0.08
CA LEU A 202 -15.01 2.02 1.18
C LEU A 202 -14.59 2.98 2.29
N ASN A 203 -15.39 3.05 3.35
CA ASN A 203 -15.04 3.84 4.51
C ASN A 203 -14.07 3.06 5.40
N HIS A 204 -13.42 3.79 6.31
CA HIS A 204 -12.36 3.23 7.14
C HIS A 204 -12.93 2.59 8.40
N SER A 205 -12.24 1.57 8.89
CA SER A 205 -12.47 1.01 10.21
C SER A 205 -11.16 0.47 10.75
N CYS A 206 -10.90 0.71 12.04
CA CYS A 206 -9.71 0.15 12.66
C CYS A 206 -9.82 -1.35 12.90
N ASP A 207 -10.98 -1.94 12.62
CA ASP A 207 -11.16 -3.39 12.64
C ASP A 207 -12.06 -3.74 11.47
N PRO A 208 -11.50 -3.78 10.26
CA PRO A 208 -12.34 -3.87 9.05
C PRO A 208 -12.93 -5.26 8.89
N ASN A 209 -13.92 -5.33 7.99
CA ASN A 209 -14.50 -6.59 7.55
C ASN A 209 -14.09 -6.96 6.14
N CYS A 210 -13.27 -6.14 5.49
CA CYS A 210 -12.78 -6.40 4.14
C CYS A 210 -11.29 -6.10 4.09
N SER A 211 -10.67 -6.43 2.96
CA SER A 211 -9.25 -6.19 2.80
C SER A 211 -8.92 -5.96 1.33
N ILE A 212 -7.85 -5.21 1.10
CA ILE A 212 -7.35 -4.90 -0.23
C ILE A 212 -6.02 -5.64 -0.41
N VAL A 213 -5.83 -6.23 -1.58
CA VAL A 213 -4.55 -6.84 -1.94
C VAL A 213 -4.26 -6.48 -3.40
N PHE A 214 -2.98 -6.32 -3.71
CA PHE A 214 -2.55 -5.85 -5.01
C PHE A 214 -1.80 -6.94 -5.77
N ASN A 215 -2.14 -7.10 -7.05
CA ASN A 215 -1.44 -7.97 -7.98
C ASN A 215 -0.91 -7.06 -9.09
N GLY A 216 0.30 -6.54 -8.89
CA GLY A 216 0.78 -5.44 -9.69
C GLY A 216 -0.02 -4.20 -9.39
N PRO A 217 -0.50 -3.51 -10.43
CA PRO A 217 -1.44 -2.41 -10.20
C PRO A 217 -2.88 -2.85 -10.06
N HIS A 218 -3.18 -4.12 -10.33
CA HIS A 218 -4.54 -4.63 -10.23
C HIS A 218 -4.91 -4.87 -8.78
N LEU A 219 -6.13 -4.48 -8.41
CA LEU A 219 -6.59 -4.52 -7.03
C LEU A 219 -7.71 -5.56 -6.89
N LEU A 220 -7.67 -6.29 -5.77
CA LEU A 220 -8.71 -7.24 -5.42
C LEU A 220 -9.27 -6.90 -4.05
N LEU A 221 -10.60 -6.78 -3.97
CA LEU A 221 -11.29 -6.49 -2.72
C LEU A 221 -11.99 -7.76 -2.24
N ARG A 222 -11.68 -8.16 -1.01
CA ARG A 222 -12.16 -9.42 -0.45
C ARG A 222 -12.84 -9.17 0.89
N ALA A 223 -13.75 -10.07 1.23
CA ALA A 223 -14.27 -10.13 2.59
C ALA A 223 -13.34 -10.95 3.47
N VAL A 224 -13.06 -10.44 4.66
CA VAL A 224 -12.27 -11.16 5.65
C VAL A 224 -13.09 -11.52 6.89
N ARG A 225 -14.34 -11.09 6.96
CA ARG A 225 -15.29 -11.50 7.98
C ARG A 225 -16.54 -12.01 7.29
N ASP A 226 -17.48 -12.52 8.09
CA ASP A 226 -18.82 -12.70 7.59
C ASP A 226 -19.54 -11.36 7.54
N ILE A 227 -20.22 -11.10 6.43
CA ILE A 227 -20.95 -9.85 6.22
C ILE A 227 -22.36 -10.19 5.78
N GLU A 228 -23.34 -9.61 6.45
CA GLU A 228 -24.74 -9.84 6.12
C GLU A 228 -25.26 -8.74 5.20
N VAL A 229 -26.46 -9.00 4.65
CA VAL A 229 -27.07 -8.06 3.72
C VAL A 229 -27.27 -6.71 4.39
N GLY A 230 -26.92 -5.64 3.67
CA GLY A 230 -27.06 -4.30 4.19
C GLY A 230 -25.92 -3.82 5.06
N GLU A 231 -25.03 -4.71 5.49
CA GLU A 231 -23.90 -4.31 6.31
C GLU A 231 -22.86 -3.57 5.47
N GLU A 232 -22.34 -2.47 6.01
CA GLU A 232 -21.38 -1.66 5.29
C GLU A 232 -20.02 -2.36 5.23
N LEU A 233 -19.40 -2.30 4.05
CA LEU A 233 -18.05 -2.81 3.88
C LEU A 233 -17.03 -1.79 4.38
N THR A 234 -15.97 -2.27 5.02
CA THR A 234 -14.93 -1.39 5.55
C THR A 234 -13.57 -1.99 5.30
N ILE A 235 -12.59 -1.11 5.08
CA ILE A 235 -11.18 -1.46 5.03
C ILE A 235 -10.42 -0.52 5.95
N CYS A 236 -9.27 -0.98 6.43
CA CYS A 236 -8.42 -0.16 7.28
C CYS A 236 -7.50 0.68 6.40
N TYR A 237 -7.61 2.00 6.52
CA TYR A 237 -6.78 2.91 5.74
C TYR A 237 -5.32 2.86 6.15
N LEU A 238 -5.02 2.40 7.36
CA LEU A 238 -3.74 2.64 7.99
C LEU A 238 -2.99 1.34 8.25
N ASP A 239 -1.67 1.50 8.46
CA ASP A 239 -0.84 0.42 8.97
C ASP A 239 -1.39 -0.06 10.31
N MET A 240 -1.38 -1.38 10.51
CA MET A 240 -1.90 -1.95 11.75
C MET A 240 -1.00 -1.66 12.95
N LEU A 241 0.29 -1.40 12.71
CA LEU A 241 1.24 -1.15 13.79
C LEU A 241 1.27 0.34 14.14
N MET A 242 0.12 0.84 14.57
CA MET A 242 -0.03 2.23 14.98
C MET A 242 -0.85 2.28 16.26
N THR A 243 -0.48 3.20 17.15
CA THR A 243 -1.30 3.44 18.32
C THR A 243 -2.51 4.26 17.95
N SER A 244 -3.50 4.30 18.85
CA SER A 244 -4.70 5.08 18.60
C SER A 244 -4.38 6.56 18.50
N GLU A 245 -3.32 7.02 19.18
CA GLU A 245 -2.89 8.40 19.04
C GLU A 245 -2.36 8.68 17.64
N GLU A 246 -1.53 7.78 17.11
CA GLU A 246 -1.02 7.95 15.75
C GLU A 246 -2.13 7.80 14.71
N ARG A 247 -3.11 6.94 14.97
CA ARG A 247 -4.23 6.81 14.05
C ARG A 247 -5.09 8.06 14.05
N ARG A 248 -5.30 8.67 15.22
CA ARG A 248 -6.09 9.89 15.30
C ARG A 248 -5.45 11.01 14.50
N LYS A 249 -4.13 11.18 14.63
CA LYS A 249 -3.44 12.24 13.92
C LYS A 249 -3.53 12.05 12.41
N GLN A 250 -3.36 10.82 11.94
CA GLN A 250 -3.35 10.57 10.50
C GLN A 250 -4.75 10.64 9.91
N LEU A 251 -5.76 10.16 10.63
CA LEU A 251 -7.12 10.27 10.12
C LEU A 251 -7.62 11.71 10.13
N ARG A 252 -7.07 12.54 11.01
CA ARG A 252 -7.39 13.96 10.98
C ARG A 252 -6.68 14.67 9.85
N ASP A 253 -5.36 14.49 9.75
CA ASP A 253 -4.56 15.28 8.81
C ASP A 253 -4.90 14.94 7.36
N GLN A 254 -5.11 13.66 7.06
CA GLN A 254 -5.29 13.22 5.69
C GLN A 254 -6.75 13.01 5.29
N TYR A 255 -7.59 12.53 6.21
CA TYR A 255 -8.95 12.14 5.85
C TYR A 255 -10.04 12.97 6.51
N CYS A 256 -9.69 13.84 7.46
CA CYS A 256 -10.62 14.84 8.02
C CYS A 256 -11.84 14.18 8.68
N PHE A 257 -11.58 13.21 9.56
CA PHE A 257 -12.65 12.67 10.39
C PHE A 257 -12.07 12.13 11.68
N GLU A 258 -12.90 12.11 12.71
CA GLU A 258 -12.56 11.52 14.00
C GLU A 258 -13.19 10.14 14.09
N CYS A 259 -12.38 9.13 14.37
CA CYS A 259 -12.86 7.76 14.50
C CYS A 259 -13.26 7.49 15.94
N ASP A 260 -14.47 6.97 16.14
CA ASP A 260 -14.96 6.60 17.45
C ASP A 260 -15.32 5.13 17.53
N CYS A 261 -14.63 4.31 16.73
CA CYS A 261 -14.80 2.87 16.83
C CYS A 261 -14.36 2.39 18.22
N PHE A 262 -14.70 1.14 18.54
CA PHE A 262 -14.39 0.60 19.85
C PHE A 262 -12.89 0.65 20.15
N ARG A 263 -12.06 0.40 19.13
CA ARG A 263 -10.62 0.32 19.35
C ARG A 263 -10.05 1.68 19.73
N CYS A 264 -10.54 2.75 19.11
CA CYS A 264 -10.05 4.09 19.43
C CYS A 264 -10.58 4.59 20.77
N GLN A 265 -11.79 4.18 21.15
CA GLN A 265 -12.36 4.62 22.42
C GLN A 265 -11.64 4.00 23.60
N THR A 266 -11.16 2.77 23.46
CA THR A 266 -10.52 2.04 24.55
C THR A 266 -9.00 1.95 24.40
N GLN A 267 -8.43 2.65 23.42
CA GLN A 267 -6.99 2.60 23.15
C GLN A 267 -6.53 1.14 23.00
N ASP A 268 -7.30 0.37 22.26
CA ASP A 268 -7.09 -1.07 22.15
C ASP A 268 -5.67 -1.38 21.67
N LYS A 269 -4.96 -2.16 22.48
CA LYS A 269 -3.60 -2.64 22.26
C LYS A 269 -2.53 -1.56 22.41
N ASP A 270 -2.90 -0.32 22.72
CA ASP A 270 -1.92 0.76 22.82
C ASP A 270 -0.81 0.43 23.81
N ALA A 271 -1.18 -0.08 24.98
CA ALA A 271 -0.20 -0.32 26.04
C ALA A 271 0.82 -1.38 25.61
N ASP A 272 0.34 -2.50 25.06
CA ASP A 272 1.24 -3.55 24.61
C ASP A 272 2.15 -3.07 23.49
N MET A 273 1.65 -2.16 22.64
CA MET A 273 2.45 -1.65 21.53
C MET A 273 3.65 -0.83 22.01
N LEU A 274 3.59 -0.28 23.23
CA LEU A 274 4.60 0.64 23.73
C LEU A 274 5.27 0.12 25.00
N THR A 275 5.33 -1.19 25.18
CA THR A 275 6.06 -1.74 26.31
C THR A 275 7.56 -1.52 26.12
N GLY A 276 8.29 -1.56 27.23
CA GLY A 276 9.70 -1.22 27.25
C GLY A 276 9.92 0.21 27.68
N ASP A 277 11.20 0.58 27.74
CA ASP A 277 11.56 1.92 28.19
C ASP A 277 11.18 2.95 27.13
N GLU A 278 10.50 4.02 27.56
CA GLU A 278 10.01 5.03 26.63
C GLU A 278 11.16 5.69 25.88
N GLN A 279 12.21 6.08 26.60
CA GLN A 279 13.33 6.74 25.96
C GLN A 279 13.99 5.87 24.90
N VAL A 280 13.96 4.55 25.08
CA VAL A 280 14.59 3.66 24.11
C VAL A 280 13.78 3.62 22.83
N TRP A 281 12.46 3.41 22.93
CA TRP A 281 11.67 3.31 21.71
C TRP A 281 11.36 4.65 21.08
N LYS A 282 11.59 5.76 21.79
CA LYS A 282 11.51 7.07 21.14
C LYS A 282 12.68 7.27 20.19
N GLU A 283 13.86 6.76 20.55
CA GLU A 283 15.00 6.82 19.64
C GLU A 283 14.81 5.87 18.46
N VAL A 284 14.32 4.66 18.72
CA VAL A 284 14.07 3.70 17.66
C VAL A 284 13.02 4.25 16.69
N GLN A 285 11.98 4.90 17.24
CA GLN A 285 10.97 5.52 16.37
C GLN A 285 11.57 6.65 15.56
N GLU A 286 12.44 7.46 16.17
CA GLU A 286 13.12 8.51 15.43
C GLU A 286 14.03 7.92 14.35
N SER A 287 14.78 6.87 14.70
CA SER A 287 15.70 6.27 13.74
C SER A 287 14.98 5.47 12.66
N LEU A 288 13.73 5.04 12.91
CA LEU A 288 12.99 4.31 11.89
C LEU A 288 12.70 5.19 10.67
N LYS A 289 12.61 6.51 10.87
CA LYS A 289 12.36 7.41 9.75
C LYS A 289 13.42 7.25 8.67
N LYS A 290 14.69 7.24 9.06
CA LYS A 290 15.76 7.04 8.09
C LYS A 290 15.82 5.59 7.62
N ILE A 291 15.55 4.65 8.52
CA ILE A 291 15.54 3.23 8.14
C ILE A 291 14.48 2.97 7.09
N GLU A 292 13.27 3.49 7.32
CA GLU A 292 12.19 3.32 6.35
C GLU A 292 12.45 4.11 5.08
N GLU A 293 13.15 5.25 5.19
CA GLU A 293 13.52 6.00 4.00
C GLU A 293 14.48 5.19 3.13
N LEU A 294 15.48 4.56 3.76
CA LEU A 294 16.43 3.74 3.00
C LEU A 294 15.74 2.52 2.40
N LYS A 295 14.75 1.97 3.10
CA LYS A 295 14.01 0.83 2.56
C LYS A 295 13.17 1.24 1.36
N ALA A 296 12.58 2.44 1.39
CA ALA A 296 11.80 2.93 0.27
C ALA A 296 12.64 3.08 -0.99
N HIS A 297 13.95 3.27 -0.86
CA HIS A 297 14.86 3.32 -2.00
C HIS A 297 15.65 2.02 -2.16
N TRP A 298 15.21 0.95 -1.51
CA TRP A 298 15.73 -0.40 -1.72
C TRP A 298 17.23 -0.50 -1.41
N LYS A 299 17.72 0.33 -0.51
CA LYS A 299 19.13 0.29 -0.08
C LYS A 299 19.22 -0.65 1.11
N TRP A 300 19.26 -1.95 0.81
CA TRP A 300 19.06 -2.97 1.83
C TRP A 300 20.22 -3.07 2.79
N GLU A 301 21.46 -2.84 2.32
CA GLU A 301 22.61 -2.94 3.22
C GLU A 301 22.55 -1.87 4.29
N GLN A 302 22.23 -0.63 3.92
CA GLN A 302 22.12 0.44 4.90
C GLN A 302 20.97 0.15 5.89
N VAL A 303 19.89 -0.44 5.39
CA VAL A 303 18.79 -0.83 6.27
C VAL A 303 19.27 -1.83 7.32
N LEU A 304 19.99 -2.86 6.87
CA LEU A 304 20.42 -3.92 7.77
C LEU A 304 21.38 -3.41 8.83
N ALA A 305 22.34 -2.58 8.43
CA ALA A 305 23.34 -2.09 9.38
C ALA A 305 22.68 -1.25 10.48
N MET A 306 21.75 -0.38 10.11
CA MET A 306 21.04 0.42 11.10
C MET A 306 20.15 -0.45 11.98
N CYS A 307 19.50 -1.46 11.38
CA CYS A 307 18.64 -2.35 12.15
C CYS A 307 19.46 -3.21 13.11
N GLN A 308 20.63 -3.68 12.67
CA GLN A 308 21.48 -4.48 13.54
C GLN A 308 21.96 -3.67 14.74
N ALA A 309 22.25 -2.38 14.53
CA ALA A 309 22.67 -1.52 15.63
C ALA A 309 21.59 -1.35 16.68
N ILE A 310 20.34 -1.60 16.33
CA ILE A 310 19.24 -1.55 17.29
C ILE A 310 18.95 -2.92 17.88
N ILE A 311 18.84 -3.93 17.00
CA ILE A 311 18.45 -5.27 17.45
C ILE A 311 19.54 -5.89 18.33
N SER A 312 20.80 -5.69 17.96
CA SER A 312 21.94 -6.21 18.70
C SER A 312 22.68 -5.09 19.43
N SER A 313 21.93 -4.14 19.99
CA SER A 313 22.53 -2.94 20.57
C SER A 313 23.24 -3.26 21.88
N ASN A 314 24.30 -2.48 22.15
CA ASN A 314 24.96 -2.60 23.44
C ASN A 314 24.16 -1.94 24.55
N SER A 315 23.31 -0.97 24.20
CA SER A 315 22.49 -0.28 25.18
C SER A 315 21.16 -1.02 25.36
N GLU A 316 20.29 -0.45 26.20
CA GLU A 316 19.06 -1.12 26.57
C GLU A 316 18.20 -1.40 25.34
N ARG A 317 17.61 -2.60 25.32
CA ARG A 317 16.82 -3.07 24.19
C ARG A 317 15.34 -3.09 24.54
N LEU A 318 14.53 -3.34 23.51
CA LEU A 318 13.08 -3.33 23.60
C LEU A 318 12.51 -4.74 23.40
N PRO A 319 11.34 -5.02 23.95
CA PRO A 319 10.67 -6.29 23.64
C PRO A 319 10.14 -6.29 22.22
N ASP A 320 10.01 -7.50 21.66
CA ASP A 320 9.60 -7.64 20.26
C ASP A 320 8.16 -7.22 20.01
N ILE A 321 7.32 -7.07 21.04
CA ILE A 321 5.96 -6.59 20.82
C ILE A 321 5.88 -5.08 20.74
N ASN A 322 6.94 -4.37 21.11
CA ASN A 322 7.00 -2.94 20.85
C ASN A 322 6.97 -2.71 19.34
N ILE A 323 6.02 -1.89 18.88
CA ILE A 323 5.78 -1.78 17.44
C ILE A 323 6.98 -1.23 16.71
N TYR A 324 7.73 -0.33 17.33
CA TYR A 324 8.93 0.21 16.68
C TYR A 324 10.05 -0.80 16.65
N GLN A 325 10.17 -1.61 17.71
CA GLN A 325 11.07 -2.76 17.66
C GLN A 325 10.62 -3.76 16.62
N LEU A 326 9.30 -3.99 16.53
CA LEU A 326 8.76 -4.93 15.54
C LEU A 326 9.07 -4.46 14.13
N LYS A 327 8.93 -3.16 13.86
CA LYS A 327 9.21 -2.64 12.53
C LYS A 327 10.68 -2.81 12.17
N VAL A 328 11.57 -2.57 13.13
CA VAL A 328 13.00 -2.79 12.88
C VAL A 328 13.27 -4.27 12.63
N LEU A 329 12.59 -5.15 13.37
CA LEU A 329 12.70 -6.57 13.11
C LEU A 329 12.26 -6.91 11.69
N ASP A 330 11.17 -6.31 11.22
CA ASP A 330 10.68 -6.58 9.88
CA ASP A 330 10.68 -6.58 9.88
C ASP A 330 11.65 -6.07 8.82
N CYS A 331 12.10 -4.81 8.97
CA CYS A 331 13.04 -4.24 8.00
C CYS A 331 14.33 -5.05 7.94
N ALA A 332 14.81 -5.54 9.09
CA ALA A 332 16.02 -6.35 9.08
C ALA A 332 15.79 -7.68 8.40
N MET A 333 14.59 -8.26 8.56
CA MET A 333 14.28 -9.52 7.89
C MET A 333 14.29 -9.34 6.37
N ASP A 334 13.62 -8.30 5.88
CA ASP A 334 13.56 -8.06 4.45
C ASP A 334 14.94 -7.74 3.89
N ALA A 335 15.77 -7.05 4.66
CA ALA A 335 17.12 -6.76 4.20
C ALA A 335 17.96 -8.03 4.09
N CYS A 336 17.77 -8.96 5.03
CA CYS A 336 18.58 -10.17 5.05
C CYS A 336 18.15 -11.14 3.95
N ILE A 337 16.85 -11.35 3.79
CA ILE A 337 16.29 -12.19 2.73
C ILE A 337 16.88 -11.76 1.39
N ASN A 338 17.06 -10.45 1.22
CA ASN A 338 17.41 -9.88 -0.07
C ASN A 338 18.90 -9.69 -0.27
N LEU A 339 19.70 -9.69 0.80
CA LEU A 339 21.14 -9.80 0.67
C LEU A 339 21.62 -11.24 0.73
N GLY A 340 20.69 -12.19 0.78
CA GLY A 340 21.04 -13.60 0.84
C GLY A 340 21.36 -14.13 2.21
N LEU A 341 21.18 -13.33 3.26
CA LEU A 341 21.45 -13.75 4.63
C LEU A 341 20.19 -14.42 5.18
N LEU A 342 20.04 -15.70 4.88
CA LEU A 342 18.76 -16.39 5.10
C LEU A 342 18.61 -16.92 6.52
N GLU A 343 19.71 -17.30 7.18
CA GLU A 343 19.60 -17.71 8.58
C GLU A 343 19.39 -16.50 9.49
N GLU A 344 20.05 -15.38 9.20
CA GLU A 344 19.79 -14.16 9.95
C GLU A 344 18.38 -13.64 9.65
N ALA A 345 17.91 -13.81 8.41
CA ALA A 345 16.56 -13.40 8.08
C ALA A 345 15.53 -14.21 8.86
N LEU A 346 15.72 -15.54 8.91
CA LEU A 346 14.78 -16.38 9.65
C LEU A 346 14.81 -16.06 11.14
N PHE A 347 15.97 -15.67 11.68
CA PHE A 347 16.06 -15.31 13.08
C PHE A 347 15.15 -14.12 13.39
N TYR A 348 15.18 -13.09 12.54
CA TYR A 348 14.31 -11.94 12.74
C TYR A 348 12.86 -12.29 12.40
N GLY A 349 12.65 -13.00 11.29
CA GLY A 349 11.29 -13.33 10.88
C GLY A 349 10.56 -14.17 11.90
N THR A 350 11.23 -15.18 12.47
CA THR A 350 10.57 -16.00 13.47
CA THR A 350 10.61 -16.02 13.50
C THR A 350 10.23 -15.19 14.72
N ARG A 351 11.00 -14.14 15.02
CA ARG A 351 10.72 -13.32 16.19
C ARG A 351 9.47 -12.46 16.01
N THR A 352 9.17 -12.06 14.77
CA THR A 352 7.98 -11.28 14.50
C THR A 352 6.71 -12.11 14.50
N MET A 353 6.82 -13.44 14.60
CA MET A 353 5.67 -14.31 14.40
C MET A 353 4.59 -14.06 15.46
N GLU A 354 4.97 -14.06 16.74
CA GLU A 354 3.98 -13.92 17.79
C GLU A 354 3.43 -12.49 17.87
N PRO A 355 4.24 -11.44 17.79
CA PRO A 355 3.65 -10.09 17.73
C PRO A 355 2.73 -9.89 16.54
N TYR A 356 3.05 -10.49 15.39
CA TYR A 356 2.17 -10.35 14.22
C TYR A 356 0.83 -11.03 14.44
N ARG A 357 0.83 -12.17 15.15
CA ARG A 357 -0.42 -12.84 15.46
C ARG A 357 -1.32 -11.97 16.32
N ILE A 358 -0.73 -11.13 17.17
CA ILE A 358 -1.52 -10.30 18.07
C ILE A 358 -2.02 -9.04 17.37
N PHE A 359 -1.15 -8.40 16.59
CA PHE A 359 -1.47 -7.11 15.99
C PHE A 359 -2.19 -7.19 14.65
N PHE A 360 -2.20 -8.37 14.02
CA PHE A 360 -2.95 -8.60 12.78
C PHE A 360 -3.98 -9.70 13.03
N PRO A 361 -5.04 -9.39 13.78
CA PRO A 361 -6.01 -10.43 14.13
C PRO A 361 -6.85 -10.86 12.93
N GLY A 362 -7.38 -12.08 13.03
CA GLY A 362 -8.20 -12.60 11.95
C GLY A 362 -7.35 -12.89 10.72
N SER A 363 -7.82 -12.43 9.57
CA SER A 363 -7.13 -12.62 8.30
C SER A 363 -6.69 -11.27 7.76
N HIS A 364 -5.39 -11.01 7.83
CA HIS A 364 -4.79 -9.79 7.29
C HIS A 364 -3.72 -10.18 6.29
N PRO A 365 -3.70 -9.57 5.10
CA PRO A 365 -2.72 -9.98 4.08
C PRO A 365 -1.27 -9.75 4.50
N VAL A 366 -1.03 -8.79 5.38
CA VAL A 366 0.33 -8.51 5.82
C VAL A 366 0.88 -9.66 6.65
N ARG A 367 0.05 -10.24 7.50
CA ARG A 367 0.50 -11.37 8.31
C ARG A 367 0.67 -12.62 7.45
N GLY A 368 -0.27 -12.87 6.53
CA GLY A 368 -0.15 -14.04 5.67
C GLY A 368 1.12 -14.04 4.84
N VAL A 369 1.53 -12.86 4.36
CA VAL A 369 2.78 -12.76 3.61
C VAL A 369 3.97 -12.97 4.53
N GLN A 370 3.94 -12.37 5.72
CA GLN A 370 5.02 -12.55 6.68
C GLN A 370 5.17 -14.02 7.06
N VAL A 371 4.06 -14.71 7.30
CA VAL A 371 4.12 -16.13 7.64
C VAL A 371 4.63 -16.93 6.46
N MET A 372 4.24 -16.55 5.25
CA MET A 372 4.73 -17.25 4.05
C MET A 372 6.23 -17.08 3.90
N LYS A 373 6.74 -15.87 4.16
CA LYS A 373 8.18 -15.65 4.09
C LYS A 373 8.93 -16.52 5.09
N VAL A 374 8.42 -16.60 6.33
CA VAL A 374 9.07 -17.40 7.36
C VAL A 374 9.04 -18.87 6.99
N GLY A 375 7.89 -19.36 6.51
CA GLY A 375 7.81 -20.74 6.07
C GLY A 375 8.71 -21.03 4.89
N LYS A 376 8.87 -20.04 4.00
CA LYS A 376 9.77 -20.22 2.87
C LYS A 376 11.23 -20.26 3.30
N LEU A 377 11.58 -19.50 4.34
CA LEU A 377 12.94 -19.55 4.86
C LEU A 377 13.20 -20.87 5.58
N GLN A 378 12.20 -21.38 6.30
CA GLN A 378 12.36 -22.66 6.99
C GLN A 378 12.46 -23.81 6.01
N LEU A 379 11.67 -23.79 4.93
CA LEU A 379 11.71 -24.85 3.94
C LEU A 379 13.07 -24.90 3.25
N HIS A 380 13.59 -23.73 2.85
CA HIS A 380 14.88 -23.65 2.18
C HIS A 380 16.02 -24.13 3.07
N GLN A 381 15.81 -24.27 4.37
CA GLN A 381 16.84 -24.73 5.31
C GLN A 381 16.53 -26.11 5.88
N GLY A 382 15.58 -26.84 5.29
CA GLY A 382 15.34 -28.21 5.67
C GLY A 382 14.49 -28.43 6.90
N MET A 383 13.97 -27.36 7.51
CA MET A 383 13.09 -27.47 8.67
C MET A 383 11.67 -27.77 8.19
N PHE A 384 11.50 -29.00 7.69
CA PHE A 384 10.27 -29.34 6.96
C PHE A 384 9.03 -29.31 7.85
N PRO A 385 8.99 -29.97 9.02
CA PRO A 385 7.77 -29.88 9.84
C PRO A 385 7.45 -28.46 10.27
N GLN A 386 8.47 -27.68 10.64
CA GLN A 386 8.23 -26.29 11.01
C GLN A 386 7.76 -25.47 9.81
N ALA A 387 8.34 -25.74 8.63
CA ALA A 387 7.94 -24.99 7.44
C ALA A 387 6.50 -25.30 7.06
N MET A 388 6.13 -26.58 7.07
CA MET A 388 4.77 -26.97 6.69
C MET A 388 3.73 -26.28 7.56
N LYS A 389 3.97 -26.23 8.88
CA LYS A 389 3.02 -25.62 9.79
C LYS A 389 2.77 -24.16 9.42
N ASN A 390 3.84 -23.42 9.09
CA ASN A 390 3.68 -22.02 8.72
C ASN A 390 3.12 -21.87 7.32
N LEU A 391 3.58 -22.70 6.37
CA LEU A 391 3.06 -22.63 5.00
C LEU A 391 1.55 -22.88 4.97
N ARG A 392 1.08 -23.83 5.78
CA ARG A 392 -0.36 -24.08 5.86
C ARG A 392 -1.07 -22.92 6.54
N LEU A 393 -0.49 -22.38 7.61
CA LEU A 393 -1.08 -21.22 8.27
C LEU A 393 -1.11 -20.01 7.33
N ALA A 394 -0.06 -19.85 6.52
CA ALA A 394 -0.07 -18.82 5.49
C ALA A 394 -1.20 -19.05 4.48
N PHE A 395 -1.43 -20.32 4.13
CA PHE A 395 -2.53 -20.63 3.23
C PHE A 395 -3.88 -20.39 3.89
N ASP A 396 -3.98 -20.63 5.20
CA ASP A 396 -5.24 -20.39 5.90
C ASP A 396 -5.56 -18.90 5.98
N ILE A 397 -4.53 -18.05 6.02
CA ILE A 397 -4.77 -16.61 6.01
C ILE A 397 -4.92 -16.11 4.58
N MET A 398 -3.96 -16.44 3.72
CA MET A 398 -3.91 -15.83 2.39
C MET A 398 -5.01 -16.34 1.47
N ARG A 399 -5.56 -17.52 1.71
CA ARG A 399 -6.70 -17.96 0.89
C ARG A 399 -7.91 -17.07 1.11
N VAL A 400 -8.01 -16.42 2.27
CA VAL A 400 -9.07 -15.46 2.53
C VAL A 400 -8.68 -14.06 2.05
N THR A 401 -7.43 -13.64 2.30
CA THR A 401 -6.99 -12.30 1.95
C THR A 401 -6.55 -12.19 0.50
N HIS A 402 -5.72 -13.12 0.04
CA HIS A 402 -5.36 -13.24 -1.36
C HIS A 402 -6.31 -14.21 -2.04
N GLY A 403 -6.38 -14.12 -3.35
CA GLY A 403 -7.36 -14.87 -4.09
C GLY A 403 -6.80 -16.03 -4.87
N ARG A 404 -7.73 -16.89 -5.29
CA ARG A 404 -7.55 -17.72 -6.48
C ARG A 404 -6.97 -16.81 -7.55
N GLU A 405 -7.48 -15.58 -7.59
CA GLU A 405 -7.12 -14.57 -8.56
C GLU A 405 -5.77 -13.91 -8.29
N HIS A 406 -5.15 -14.14 -7.14
CA HIS A 406 -3.86 -13.56 -6.82
C HIS A 406 -2.74 -14.55 -7.13
N SER A 407 -1.71 -14.08 -7.83
CA SER A 407 -0.66 -14.97 -8.31
C SER A 407 0.16 -15.56 -7.16
N LEU A 408 0.26 -14.85 -6.04
CA LEU A 408 1.09 -15.33 -4.93
C LEU A 408 0.52 -16.61 -4.32
N ILE A 409 -0.79 -16.83 -4.47
CA ILE A 409 -1.40 -18.07 -3.97
C ILE A 409 -0.85 -19.27 -4.74
N GLU A 410 -0.61 -19.09 -6.04
CA GLU A 410 0.03 -20.15 -6.82
C GLU A 410 1.43 -20.46 -6.32
N ASP A 411 2.18 -19.40 -5.96
CA ASP A 411 3.53 -19.61 -5.43
C ASP A 411 3.48 -20.36 -4.10
N LEU A 412 2.48 -20.08 -3.28
CA LEU A 412 2.37 -20.73 -1.97
C LEU A 412 2.03 -22.20 -2.12
N ILE A 413 1.18 -22.54 -3.10
CA ILE A 413 0.80 -23.93 -3.32
C ILE A 413 2.02 -24.75 -3.73
N LEU A 414 2.91 -24.17 -4.53
CA LEU A 414 4.13 -24.87 -4.93
C LEU A 414 5.02 -25.14 -3.72
N LEU A 415 5.18 -24.15 -2.84
CA LEU A 415 5.96 -24.37 -1.62
C LEU A 415 5.29 -25.42 -0.73
N LEU A 416 3.97 -25.41 -0.66
CA LEU A 416 3.25 -26.42 0.12
C LEU A 416 3.46 -27.80 -0.47
N GLU A 417 3.30 -27.94 -1.79
CA GLU A 417 3.50 -29.24 -2.44
C GLU A 417 4.94 -29.71 -2.29
N GLU A 418 5.90 -28.80 -2.49
CA GLU A 418 7.31 -29.16 -2.33
C GLU A 418 7.59 -29.64 -0.91
N CYS A 419 7.16 -28.85 0.08
CA CYS A 419 7.37 -29.24 1.48
C CYS A 419 6.65 -30.55 1.81
N ASP A 420 5.54 -30.82 1.13
CA ASP A 420 4.82 -32.07 1.39
C ASP A 420 5.57 -33.27 0.81
N ALA A 421 6.17 -33.10 -0.36
CA ALA A 421 6.98 -34.17 -0.93
C ALA A 421 8.18 -34.49 -0.04
N ASN A 422 8.78 -33.45 0.56
CA ASN A 422 9.92 -33.66 1.45
C ASN A 422 9.51 -34.46 2.68
N ILE A 423 8.38 -34.11 3.28
CA ILE A 423 7.86 -34.85 4.42
C ILE A 423 7.27 -36.18 3.95
#